data_5HL0
#
_entry.id   5HL0
#
_cell.length_a   123.180
_cell.length_b   123.180
_cell.length_c   56.786
_cell.angle_alpha   90.000
_cell.angle_beta   90.000
_cell.angle_gamma   120.000
#
_symmetry.space_group_name_H-M   'P 6'
#
loop_
_entity.id
_entity.type
_entity.pdbx_description
1 polymer 'E3 ubiquitin-protein ligase CBL'
2 polymer 'Sprouty 2 (SPRY2)'
3 non-polymer 'SODIUM ION'
4 water water
#
loop_
_entity_poly.entity_id
_entity_poly.type
_entity_poly.pdbx_seq_one_letter_code
_entity_poly.pdbx_strand_id
1 'polypeptide(L)'
;SNAPPGTVDKKMVEKCWKLMDKVVRLCQNPKLALKNSPPYILDLLPDTYQHLRTILSRYEGKMETLGENEYFRVFMENLM
KKTKQTISLFKEGKERMYEENSQPRRNLTKLSLIFSHMLAELKGIFPSGLFQGDTFRITKADAAEFWRKAFGEKTIVPWK
SFRQALHEVHPISSGLEAMALKSTIDLTCNDYISVFEFDIFTRLFQPWSSLLRNWNSLAVTHPGYMAFLTYDEVKARLQK
FIHKPGSYIFRLSCTRLGQWAIGYVTADGNILQTIPHNKPLFQALIDGFREGFYLFPDGRNQNPDLTG
;
A
2 'polypeptide(L)' (ACE)E(PTR)TEGPT B
#
loop_
_chem_comp.id
_chem_comp.type
_chem_comp.name
_chem_comp.formula
ACE non-polymer 'ACETYL GROUP' 'C2 H4 O'
NA non-polymer 'SODIUM ION' 'Na 1'
#
# COMPACT_ATOMS: atom_id res chain seq x y z
N PRO A 5 -22.21 -2.14 -5.51
CA PRO A 5 -21.85 -1.25 -4.40
C PRO A 5 -23.04 -0.47 -3.87
N GLY A 6 -23.46 -0.72 -2.62
CA GLY A 6 -24.73 -0.22 -2.12
C GLY A 6 -24.69 1.22 -1.61
N THR A 7 -25.88 1.75 -1.33
CA THR A 7 -26.04 3.07 -0.73
C THR A 7 -25.65 3.03 0.75
N VAL A 8 -25.03 4.11 1.23
CA VAL A 8 -24.53 4.18 2.60
C VAL A 8 -25.41 5.12 3.39
N ASP A 9 -26.06 4.58 4.42
CA ASP A 9 -26.83 5.29 5.42
C ASP A 9 -26.07 5.22 6.73
N LYS A 10 -26.34 6.19 7.63
CA LYS A 10 -25.69 6.18 8.93
C LYS A 10 -25.75 4.81 9.58
N LYS A 11 -26.85 4.08 9.38
CA LYS A 11 -27.01 2.79 10.02
C LYS A 11 -25.92 1.82 9.57
N MET A 12 -25.52 1.91 8.30
CA MET A 12 -24.45 1.05 7.80
C MET A 12 -23.12 1.37 8.49
N VAL A 13 -22.78 2.66 8.58
CA VAL A 13 -21.51 3.04 9.19
C VAL A 13 -21.44 2.55 10.62
N GLU A 14 -22.54 2.65 11.36
CA GLU A 14 -22.58 2.10 12.71
C GLU A 14 -22.37 0.59 12.69
N LYS A 15 -22.71 -0.08 11.58
CA LYS A 15 -22.49 -1.51 11.48
C LYS A 15 -21.03 -1.86 11.23
N CYS A 16 -20.31 -1.07 10.42
CA CYS A 16 -18.87 -1.26 10.28
C CYS A 16 -18.16 -1.00 11.61
N TRP A 17 -18.55 0.06 12.33
CA TRP A 17 -17.92 0.35 13.62
C TRP A 17 -18.00 -0.83 14.57
N LYS A 18 -19.15 -1.52 14.59
CA LYS A 18 -19.31 -2.66 15.48
C LYS A 18 -18.34 -3.78 15.10
N LEU A 19 -18.16 -3.99 13.80
CA LEU A 19 -17.22 -5.00 13.34
C LEU A 19 -15.77 -4.56 13.60
N MET A 20 -15.44 -3.31 13.26
CA MET A 20 -14.11 -2.78 13.56
C MET A 20 -13.78 -2.98 15.04
N ASP A 21 -14.72 -2.61 15.92
CA ASP A 21 -14.66 -3.00 17.32
C ASP A 21 -14.30 -4.47 17.49
N LYS A 22 -14.99 -5.36 16.77
CA LYS A 22 -14.75 -6.79 16.97
C LYS A 22 -13.31 -7.15 16.63
N VAL A 23 -12.76 -6.54 15.59
CA VAL A 23 -11.37 -6.79 15.20
C VAL A 23 -10.42 -6.32 16.30
N VAL A 24 -10.64 -5.08 16.79
CA VAL A 24 -9.77 -4.53 17.82
C VAL A 24 -9.68 -5.50 19.00
N ARG A 25 -10.83 -5.99 19.46
CA ARG A 25 -10.85 -6.91 20.57
C ARG A 25 -10.02 -8.17 20.25
N LEU A 26 -10.20 -8.72 19.05
CA LEU A 26 -9.38 -9.88 18.64
C LEU A 26 -7.90 -9.54 18.67
N CYS A 27 -7.52 -8.35 18.19
CA CYS A 27 -6.12 -7.98 18.09
C CYS A 27 -5.51 -7.48 19.40
N GLN A 28 -6.31 -7.25 20.44
CA GLN A 28 -5.80 -7.02 21.78
C GLN A 28 -5.39 -8.35 22.52
N ASN A 29 -5.23 -9.47 21.83
CA ASN A 29 -4.94 -10.75 22.48
C ASN A 29 -3.46 -10.84 22.86
N PRO A 30 -3.12 -10.99 24.15
CA PRO A 30 -1.68 -11.02 24.54
C PRO A 30 -0.86 -12.01 23.77
N LYS A 31 -1.47 -13.10 23.27
CA LYS A 31 -0.73 -14.12 22.53
C LYS A 31 -0.14 -13.57 21.25
N LEU A 32 -0.76 -12.53 20.65
CA LEU A 32 -0.25 -12.02 19.37
C LEU A 32 1.08 -11.28 19.53
N ALA A 33 1.34 -10.71 20.69
CA ALA A 33 2.53 -9.88 20.87
C ALA A 33 2.67 -8.83 19.76
N LEU A 34 1.58 -8.16 19.40
CA LEU A 34 1.65 -7.18 18.33
C LEU A 34 2.55 -6.02 18.77
N LYS A 35 3.54 -5.69 17.93
CA LYS A 35 4.36 -4.50 18.12
C LYS A 35 3.60 -3.25 17.66
N ASN A 36 4.07 -2.11 18.13
CA ASN A 36 3.50 -0.78 17.86
C ASN A 36 3.92 -0.19 16.51
N SER A 37 4.79 -0.84 15.75
CA SER A 37 5.32 -0.25 14.56
C SER A 37 4.24 -0.10 13.48
N PRO A 38 4.32 0.93 12.63
CA PRO A 38 3.44 1.00 11.47
C PRO A 38 3.65 -0.19 10.56
N PRO A 39 2.56 -0.85 10.14
CA PRO A 39 1.16 -0.53 10.39
C PRO A 39 0.65 -1.18 11.63
N TYR A 40 -0.06 -0.42 12.46
CA TYR A 40 -0.46 -0.87 13.79
C TYR A 40 -1.98 -0.87 13.83
N ILE A 41 -2.56 -2.07 13.77
CA ILE A 41 -3.99 -2.19 13.56
C ILE A 41 -4.78 -1.63 14.73
N LEU A 42 -4.19 -1.60 15.92
CA LEU A 42 -4.90 -1.06 17.09
C LEU A 42 -4.96 0.47 17.09
N ASP A 43 -4.16 1.13 16.27
CA ASP A 43 -4.27 2.57 15.99
C ASP A 43 -5.09 2.85 14.73
N LEU A 44 -4.87 2.03 13.68
CA LEU A 44 -5.47 2.28 12.38
C LEU A 44 -7.00 2.23 12.43
N LEU A 45 -7.55 1.27 13.18
CA LEU A 45 -9.01 1.14 13.15
C LEU A 45 -9.69 2.21 13.98
N PRO A 46 -9.19 2.53 15.19
CA PRO A 46 -9.72 3.73 15.89
C PRO A 46 -9.60 5.00 15.07
N ASP A 47 -8.50 5.18 14.34
CA ASP A 47 -8.33 6.39 13.53
C ASP A 47 -9.26 6.39 12.31
N THR A 48 -9.54 5.21 11.73
CA THR A 48 -10.51 5.16 10.65
C THR A 48 -11.88 5.54 11.16
N TYR A 49 -12.26 5.00 12.32
CA TYR A 49 -13.52 5.37 12.96
C TYR A 49 -13.63 6.88 13.11
N GLN A 50 -12.57 7.48 13.66
CA GLN A 50 -12.55 8.92 13.92
C GLN A 50 -12.66 9.71 12.63
N HIS A 51 -11.97 9.28 11.57
CA HIS A 51 -12.12 10.01 10.32
C HIS A 51 -13.49 9.79 9.71
N LEU A 52 -14.10 8.63 9.92
CA LEU A 52 -15.48 8.43 9.49
C LEU A 52 -16.44 9.32 10.28
N ARG A 53 -16.18 9.48 11.59
CA ARG A 53 -16.92 10.44 12.42
C ARG A 53 -16.82 11.83 11.84
N THR A 54 -15.61 12.22 11.43
CA THR A 54 -15.41 13.54 10.88
C THR A 54 -16.22 13.74 9.59
N ILE A 55 -16.12 12.78 8.66
CA ILE A 55 -16.85 12.90 7.39
C ILE A 55 -18.34 13.03 7.66
N LEU A 56 -18.87 12.15 8.50
CA LEU A 56 -20.28 12.21 8.86
C LEU A 56 -20.68 13.58 9.43
N SER A 57 -19.81 14.19 10.24
CA SER A 57 -20.19 15.44 10.86
C SER A 57 -20.21 16.60 9.87
N ARG A 58 -19.44 16.52 8.78
CA ARG A 58 -19.46 17.55 7.75
C ARG A 58 -20.63 17.39 6.77
N TYR A 59 -21.45 16.33 6.91
CA TYR A 59 -22.56 16.06 6.00
C TYR A 59 -23.86 15.89 6.76
N GLU A 60 -23.95 16.40 7.99
CA GLU A 60 -25.24 16.70 8.60
C GLU A 60 -26.08 17.56 7.66
N GLY A 61 -27.34 17.16 7.50
CA GLY A 61 -28.23 17.85 6.57
C GLY A 61 -27.95 17.57 5.11
N LYS A 62 -27.08 16.61 4.81
CA LYS A 62 -26.64 16.34 3.44
C LYS A 62 -26.23 14.88 3.30
N MET A 63 -26.83 14.00 4.08
CA MET A 63 -26.48 12.58 4.01
C MET A 63 -26.84 11.98 2.65
N GLU A 64 -27.95 12.40 2.04
CA GLU A 64 -28.30 11.88 0.72
C GLU A 64 -27.18 12.14 -0.28
N THR A 65 -26.55 13.31 -0.19
CA THR A 65 -25.38 13.62 -0.98
C THR A 65 -24.25 12.62 -0.71
N LEU A 66 -23.92 12.42 0.57
CA LEU A 66 -22.78 11.60 0.94
C LEU A 66 -22.99 10.14 0.55
N GLY A 67 -24.20 9.62 0.74
CA GLY A 67 -24.49 8.23 0.41
C GLY A 67 -24.52 7.93 -1.08
N GLU A 68 -24.77 8.93 -1.93
CA GLU A 68 -24.72 8.73 -3.38
C GLU A 68 -23.31 8.79 -3.94
N ASN A 69 -22.36 9.32 -3.16
CA ASN A 69 -21.00 9.48 -3.62
C ASN A 69 -20.35 8.13 -3.88
N GLU A 70 -19.80 7.96 -5.10
CA GLU A 70 -19.42 6.62 -5.56
C GLU A 70 -18.20 6.10 -4.81
N TYR A 71 -17.12 6.90 -4.76
CA TYR A 71 -15.93 6.53 -4.01
C TYR A 71 -16.29 6.05 -2.61
N PHE A 72 -17.10 6.83 -1.90
CA PHE A 72 -17.42 6.51 -0.51
C PHE A 72 -18.20 5.20 -0.40
N ARG A 73 -19.11 4.94 -1.36
CA ARG A 73 -19.85 3.69 -1.34
C ARG A 73 -18.91 2.50 -1.51
N VAL A 74 -17.94 2.64 -2.42
CA VAL A 74 -16.96 1.59 -2.64
C VAL A 74 -16.06 1.41 -1.41
N PHE A 75 -15.53 2.52 -0.87
CA PHE A 75 -14.73 2.50 0.34
C PHE A 75 -15.41 1.75 1.47
N MET A 76 -16.63 2.13 1.82
CA MET A 76 -17.36 1.47 2.91
C MET A 76 -17.64 -0.01 2.62
N GLU A 77 -17.89 -0.38 1.36
CA GLU A 77 -18.10 -1.79 1.08
C GLU A 77 -16.82 -2.56 1.34
N ASN A 78 -15.71 -2.03 0.84
CA ASN A 78 -14.43 -2.66 1.03
C ASN A 78 -14.06 -2.70 2.51
N LEU A 79 -14.51 -1.71 3.28
CA LEU A 79 -14.22 -1.72 4.71
C LEU A 79 -15.04 -2.78 5.43
N MET A 80 -16.32 -2.94 5.07
CA MET A 80 -17.10 -4.08 5.54
C MET A 80 -16.40 -5.39 5.18
N LYS A 81 -16.03 -5.54 3.91
CA LYS A 81 -15.43 -6.80 3.43
C LYS A 81 -14.16 -7.12 4.20
N LYS A 82 -13.24 -6.15 4.29
CA LYS A 82 -11.94 -6.38 4.90
C LYS A 82 -12.08 -6.69 6.37
N THR A 83 -12.96 -5.95 7.06
CA THR A 83 -13.20 -6.23 8.47
C THR A 83 -13.75 -7.65 8.66
N LYS A 84 -14.70 -8.05 7.80
CA LYS A 84 -15.25 -9.40 7.91
C LYS A 84 -14.20 -10.44 7.59
N GLN A 85 -13.38 -10.18 6.59
CA GLN A 85 -12.32 -11.12 6.25
C GLN A 85 -11.29 -11.23 7.38
N THR A 86 -11.09 -10.16 8.19
CA THR A 86 -10.18 -10.25 9.32
C THR A 86 -10.77 -11.11 10.43
N ILE A 87 -12.07 -10.95 10.70
CA ILE A 87 -12.73 -11.77 11.72
C ILE A 87 -12.71 -13.25 11.29
N SER A 88 -12.93 -13.54 10.02
CA SER A 88 -12.89 -14.92 9.55
C SER A 88 -11.49 -15.51 9.71
N LEU A 89 -10.46 -14.72 9.37
CA LEU A 89 -9.08 -15.16 9.54
C LEU A 89 -8.84 -15.65 10.96
N PHE A 90 -9.27 -14.88 11.96
CA PHE A 90 -9.07 -15.32 13.34
C PHE A 90 -9.83 -16.62 13.61
N LYS A 91 -11.04 -16.75 13.06
CA LYS A 91 -11.87 -17.92 13.32
C LYS A 91 -11.25 -19.17 12.72
N GLU A 92 -10.82 -19.10 11.45
CA GLU A 92 -10.27 -20.25 10.73
C GLU A 92 -8.83 -20.60 11.12
N GLY A 93 -8.09 -19.68 11.74
CA GLY A 93 -6.67 -19.87 11.99
C GLY A 93 -6.41 -20.34 13.40
N LYS A 94 -7.27 -19.89 14.31
CA LYS A 94 -7.25 -20.33 15.69
C LYS A 94 -5.87 -20.15 16.31
N GLU A 95 -5.24 -21.22 16.79
CA GLU A 95 -3.95 -21.05 17.47
C GLU A 95 -2.80 -20.76 16.51
N ARG A 96 -2.96 -21.00 15.20
CA ARG A 96 -1.93 -20.60 14.24
C ARG A 96 -1.80 -19.08 14.12
N MET A 97 -2.79 -18.31 14.62
CA MET A 97 -2.67 -16.86 14.61
C MET A 97 -1.55 -16.38 15.52
N TYR A 98 -1.08 -17.22 16.43
CA TYR A 98 -0.07 -16.83 17.41
C TYR A 98 1.30 -17.40 17.07
N GLU A 99 1.43 -18.11 15.94
CA GLU A 99 2.69 -18.70 15.52
C GLU A 99 3.34 -17.73 14.55
N GLU A 100 4.56 -17.29 14.89
CA GLU A 100 5.09 -16.05 14.36
C GLU A 100 5.13 -16.05 12.84
N ASN A 101 5.49 -17.20 12.24
CA ASN A 101 5.72 -17.33 10.81
C ASN A 101 4.58 -18.02 10.08
N SER A 102 3.45 -18.24 10.73
CA SER A 102 2.36 -18.99 10.12
C SER A 102 1.72 -18.19 8.97
N GLN A 103 1.05 -18.90 8.08
CA GLN A 103 0.47 -18.19 6.96
C GLN A 103 -0.67 -17.31 7.45
N PRO A 104 -1.55 -17.81 8.32
CA PRO A 104 -2.62 -16.95 8.85
C PRO A 104 -2.12 -15.68 9.52
N ARG A 105 -0.97 -15.74 10.21
CA ARG A 105 -0.45 -14.52 10.82
C ARG A 105 0.06 -13.56 9.76
N ARG A 106 0.72 -14.09 8.71
CA ARG A 106 1.12 -13.27 7.57
C ARG A 106 -0.08 -12.59 6.93
N ASN A 107 -1.20 -13.32 6.75
CA ASN A 107 -2.40 -12.71 6.20
C ASN A 107 -2.89 -11.55 7.07
N LEU A 108 -2.74 -11.64 8.40
CA LEU A 108 -3.16 -10.53 9.27
C LEU A 108 -2.25 -9.33 9.08
N THR A 109 -0.98 -9.55 8.82
CA THR A 109 -0.07 -8.45 8.62
C THR A 109 -0.37 -7.74 7.32
N LYS A 110 -0.68 -8.52 6.28
CA LYS A 110 -1.03 -7.89 4.99
C LYS A 110 -2.34 -7.13 5.08
N LEU A 111 -3.29 -7.60 5.89
CA LEU A 111 -4.51 -6.84 6.08
C LEU A 111 -4.24 -5.56 6.84
N SER A 112 -3.37 -5.64 7.85
CA SER A 112 -2.92 -4.48 8.60
C SER A 112 -2.41 -3.42 7.65
N LEU A 113 -1.60 -3.83 6.70
CA LEU A 113 -1.11 -2.91 5.69
C LEU A 113 -2.27 -2.39 4.85
N ILE A 114 -3.21 -3.25 4.46
CA ILE A 114 -4.32 -2.78 3.63
C ILE A 114 -5.15 -1.75 4.40
N PHE A 115 -5.39 -1.99 5.68
CA PHE A 115 -6.12 -1.02 6.47
C PHE A 115 -5.37 0.32 6.52
N SER A 116 -4.03 0.26 6.56
CA SER A 116 -3.24 1.49 6.50
C SER A 116 -3.40 2.20 5.16
N HIS A 117 -3.40 1.43 4.07
CA HIS A 117 -3.58 2.03 2.76
C HIS A 117 -4.98 2.60 2.58
N MET A 118 -5.96 1.99 3.21
CA MET A 118 -7.31 2.50 3.08
C MET A 118 -7.44 3.84 3.79
N LEU A 119 -6.85 3.96 4.99
CA LEU A 119 -6.93 5.22 5.73
C LEU A 119 -6.25 6.35 4.99
N ALA A 120 -5.03 6.10 4.49
CA ALA A 120 -4.35 7.16 3.76
C ALA A 120 -5.18 7.60 2.55
N GLU A 121 -5.79 6.64 1.85
CA GLU A 121 -6.65 6.96 0.71
C GLU A 121 -7.85 7.79 1.17
N LEU A 122 -8.53 7.32 2.22
CA LEU A 122 -9.70 8.03 2.73
C LEU A 122 -9.35 9.46 3.17
N LYS A 123 -8.18 9.66 3.78
CA LYS A 123 -7.77 11.01 4.15
C LYS A 123 -7.40 11.83 2.94
N GLY A 124 -6.83 11.22 1.89
CA GLY A 124 -6.49 11.97 0.70
C GLY A 124 -7.69 12.40 -0.13
N ILE A 125 -8.79 11.64 -0.06
CA ILE A 125 -9.98 12.00 -0.85
C ILE A 125 -10.90 12.91 -0.04
N PHE A 126 -10.97 12.70 1.29
CA PHE A 126 -11.79 13.47 2.21
C PHE A 126 -10.95 14.19 3.25
N PRO A 127 -10.02 15.06 2.83
CA PRO A 127 -9.27 15.84 3.84
C PRO A 127 -10.21 16.86 4.48
N SER A 128 -10.24 16.86 5.81
CA SER A 128 -11.09 17.74 6.60
C SER A 128 -12.53 17.26 6.63
N GLY A 129 -12.85 16.13 6.02
CA GLY A 129 -14.16 15.51 6.11
C GLY A 129 -15.07 15.78 4.94
N LEU A 130 -14.64 16.61 3.98
CA LEU A 130 -15.40 16.89 2.77
C LEU A 130 -14.74 16.25 1.56
N PHE A 131 -15.56 15.76 0.65
CA PHE A 131 -15.08 15.16 -0.58
C PHE A 131 -14.34 16.17 -1.45
N GLN A 132 -13.13 15.82 -1.87
CA GLN A 132 -12.35 16.64 -2.79
C GLN A 132 -11.72 15.78 -3.88
N GLY A 133 -12.30 14.60 -4.12
CA GLY A 133 -11.74 13.69 -5.11
C GLY A 133 -11.72 14.27 -6.49
N ASP A 134 -12.73 15.08 -6.84
CA ASP A 134 -12.82 15.67 -8.18
C ASP A 134 -11.83 16.80 -8.38
N THR A 135 -11.12 17.23 -7.33
CA THR A 135 -10.05 18.21 -7.47
C THR A 135 -8.70 17.65 -7.02
N PHE A 136 -8.61 16.34 -6.78
CA PHE A 136 -7.35 15.73 -6.38
C PHE A 136 -6.23 16.12 -7.35
N ARG A 137 -5.09 16.50 -6.79
CA ARG A 137 -3.94 16.94 -7.57
C ARG A 137 -2.99 15.76 -7.71
N ILE A 138 -2.92 15.18 -8.92
CA ILE A 138 -1.92 14.18 -9.22
C ILE A 138 -0.56 14.85 -9.30
N THR A 139 0.46 14.12 -8.86
CA THR A 139 1.75 14.70 -8.54
C THR A 139 2.67 14.84 -9.75
N LYS A 140 2.70 13.86 -10.63
CA LYS A 140 3.51 13.94 -11.84
C LYS A 140 2.63 14.53 -12.94
N ALA A 141 3.14 15.58 -13.62
CA ALA A 141 2.33 16.30 -14.60
C ALA A 141 1.89 15.39 -15.74
N ASP A 142 2.86 14.80 -16.47
CA ASP A 142 2.72 13.54 -17.22
C ASP A 142 1.52 12.68 -16.83
N ALA A 143 1.63 12.07 -15.65
CA ALA A 143 0.58 11.20 -15.18
C ALA A 143 -0.73 11.95 -15.01
N ALA A 144 -0.63 13.23 -14.64
CA ALA A 144 -1.84 14.03 -14.41
C ALA A 144 -2.66 14.17 -15.70
N GLU A 145 -2.01 14.51 -16.83
CA GLU A 145 -2.80 14.66 -18.06
C GLU A 145 -3.33 13.32 -18.53
N PHE A 146 -2.62 12.21 -18.30
CA PHE A 146 -3.18 10.91 -18.64
C PHE A 146 -4.54 10.71 -17.97
N TRP A 147 -4.63 10.99 -16.67
CA TRP A 147 -5.88 10.69 -15.96
C TRP A 147 -7.01 11.63 -16.41
N ARG A 148 -6.69 12.91 -16.62
CA ARG A 148 -7.71 13.87 -16.98
C ARG A 148 -8.34 13.48 -18.31
N LYS A 149 -7.49 13.27 -19.32
CA LYS A 149 -7.95 12.90 -20.64
C LYS A 149 -8.76 11.60 -20.62
N ALA A 150 -8.37 10.61 -19.80
CA ALA A 150 -9.09 9.35 -19.82
C ALA A 150 -10.31 9.32 -18.90
N PHE A 151 -10.24 9.99 -17.75
CA PHE A 151 -11.26 9.86 -16.72
C PHE A 151 -11.81 11.19 -16.23
N GLY A 152 -11.35 12.30 -16.80
CA GLY A 152 -11.80 13.62 -16.36
C GLY A 152 -11.40 13.83 -14.90
N GLU A 153 -12.42 14.00 -14.07
CA GLU A 153 -12.29 14.30 -12.64
C GLU A 153 -12.79 13.15 -11.77
N LYS A 154 -13.02 11.98 -12.36
CA LYS A 154 -13.44 10.82 -11.59
C LYS A 154 -12.43 10.54 -10.49
N THR A 155 -12.94 10.07 -9.36
CA THR A 155 -12.09 9.69 -8.24
C THR A 155 -11.72 8.20 -8.28
N ILE A 156 -12.56 7.35 -8.86
CA ILE A 156 -12.34 5.90 -8.82
C ILE A 156 -12.88 5.29 -10.11
N VAL A 157 -12.14 4.31 -10.65
CA VAL A 157 -12.57 3.61 -11.86
C VAL A 157 -12.39 2.11 -11.66
N PRO A 158 -13.20 1.29 -12.32
CA PRO A 158 -13.00 -0.17 -12.28
C PRO A 158 -11.65 -0.54 -12.87
N TRP A 159 -11.07 -1.62 -12.34
CA TRP A 159 -9.78 -2.09 -12.84
C TRP A 159 -9.78 -2.23 -14.36
N LYS A 160 -10.80 -2.89 -14.92
CA LYS A 160 -10.85 -3.09 -16.38
C LYS A 160 -10.76 -1.77 -17.14
N SER A 161 -11.49 -0.75 -16.68
CA SER A 161 -11.43 0.54 -17.37
C SER A 161 -10.04 1.16 -17.24
N PHE A 162 -9.48 1.14 -16.03
CA PHE A 162 -8.11 1.64 -15.88
C PHE A 162 -7.18 0.89 -16.81
N ARG A 163 -7.26 -0.45 -16.77
CA ARG A 163 -6.36 -1.26 -17.58
C ARG A 163 -6.44 -0.88 -19.05
N GLN A 164 -7.66 -0.78 -19.62
CA GLN A 164 -7.75 -0.53 -21.06
C GLN A 164 -7.21 0.84 -21.40
N ALA A 165 -7.50 1.83 -20.55
CA ALA A 165 -7.00 3.17 -20.79
C ALA A 165 -5.47 3.21 -20.75
N LEU A 166 -4.89 2.58 -19.72
CA LEU A 166 -3.44 2.56 -19.65
C LEU A 166 -2.85 1.87 -20.87
N HIS A 167 -3.46 0.73 -21.28
CA HIS A 167 -2.95 -0.05 -22.41
C HIS A 167 -2.82 0.81 -23.66
N GLU A 168 -3.80 1.72 -23.90
CA GLU A 168 -3.74 2.57 -25.09
C GLU A 168 -2.51 3.47 -25.11
N VAL A 169 -1.95 3.82 -23.95
CA VAL A 169 -0.76 4.69 -23.89
C VAL A 169 0.50 3.88 -23.53
N HIS A 170 0.36 2.87 -22.70
CA HIS A 170 1.51 2.05 -22.26
C HIS A 170 1.16 0.58 -22.42
N PRO A 171 1.49 -0.04 -23.54
CA PRO A 171 0.92 -1.38 -23.82
C PRO A 171 1.40 -2.42 -22.81
N ILE A 172 0.43 -3.12 -22.24
CA ILE A 172 0.64 -4.26 -21.36
C ILE A 172 0.81 -5.51 -22.23
N SER A 173 1.89 -6.23 -22.00
CA SER A 173 2.30 -7.30 -22.89
C SER A 173 1.49 -8.59 -22.71
N SER A 174 0.81 -8.78 -21.58
CA SER A 174 0.14 -10.05 -21.39
C SER A 174 -0.87 -9.96 -20.25
N GLY A 175 -1.75 -10.95 -20.22
CA GLY A 175 -2.70 -11.08 -19.13
C GLY A 175 -2.00 -11.21 -17.78
N LEU A 176 -0.91 -12.03 -17.71
CA LEU A 176 -0.22 -12.26 -16.43
C LEU A 176 0.47 -10.99 -15.93
N GLU A 177 1.13 -10.26 -16.83
CA GLU A 177 1.69 -8.96 -16.51
C GLU A 177 0.62 -7.95 -16.06
N ALA A 178 -0.57 -7.99 -16.70
CA ALA A 178 -1.67 -7.13 -16.29
C ALA A 178 -2.10 -7.45 -14.87
N MET A 179 -2.16 -8.73 -14.52
CA MET A 179 -2.58 -9.07 -13.16
C MET A 179 -1.49 -8.77 -12.12
N ALA A 180 -0.23 -8.68 -12.53
CA ALA A 180 0.84 -8.28 -11.63
C ALA A 180 0.86 -6.75 -11.47
N LEU A 181 0.57 -6.04 -12.55
CA LEU A 181 0.36 -4.61 -12.45
C LEU A 181 -0.79 -4.30 -11.49
N LYS A 182 -1.91 -5.01 -11.65
CA LYS A 182 -3.02 -4.87 -10.72
C LYS A 182 -2.59 -5.05 -9.26
N SER A 183 -1.91 -6.18 -8.96
CA SER A 183 -1.56 -6.48 -7.58
CA SER A 183 -1.54 -6.48 -7.58
CA SER A 183 -1.56 -6.48 -7.58
C SER A 183 -0.73 -5.35 -6.96
N THR A 184 0.10 -4.67 -7.76
CA THR A 184 0.93 -3.55 -7.33
C THR A 184 0.10 -2.30 -7.03
N ILE A 185 -0.68 -1.82 -8.00
CA ILE A 185 -1.34 -0.52 -7.90
C ILE A 185 -2.56 -0.59 -6.99
N ASP A 186 -3.21 -1.74 -6.90
CA ASP A 186 -4.48 -1.86 -6.17
C ASP A 186 -4.15 -2.05 -4.69
N LEU A 187 -3.76 -0.93 -4.07
CA LEU A 187 -3.30 -0.94 -2.67
C LEU A 187 -4.41 -1.31 -1.71
N THR A 188 -5.64 -0.93 -1.99
CA THR A 188 -6.74 -1.26 -1.10
C THR A 188 -7.37 -2.61 -1.41
N CYS A 189 -6.84 -3.33 -2.40
CA CYS A 189 -7.32 -4.67 -2.77
C CYS A 189 -8.84 -4.71 -2.94
N ASN A 190 -9.36 -3.82 -3.79
CA ASN A 190 -10.80 -3.79 -4.02
C ASN A 190 -11.21 -3.82 -5.50
N ASP A 191 -10.32 -4.18 -6.42
CA ASP A 191 -10.61 -4.22 -7.85
C ASP A 191 -11.07 -2.87 -8.44
N TYR A 192 -10.91 -1.76 -7.71
CA TYR A 192 -10.93 -0.44 -8.32
C TYR A 192 -9.56 0.23 -8.17
N ILE A 193 -9.31 1.16 -9.08
CA ILE A 193 -8.16 2.07 -9.01
C ILE A 193 -8.70 3.46 -8.68
N SER A 194 -8.26 4.00 -7.54
CA SER A 194 -8.53 5.38 -7.18
C SER A 194 -7.46 6.29 -7.77
N VAL A 195 -7.82 7.56 -7.95
CA VAL A 195 -6.87 8.56 -8.41
C VAL A 195 -5.73 8.68 -7.43
N PHE A 196 -5.99 8.35 -6.16
CA PHE A 196 -4.95 8.37 -5.13
C PHE A 196 -3.98 7.20 -5.29
N GLU A 197 -4.51 5.98 -5.54
CA GLU A 197 -3.65 4.84 -5.85
C GLU A 197 -2.89 5.09 -7.14
N PHE A 198 -3.52 5.73 -8.11
CA PHE A 198 -2.81 6.06 -9.34
C PHE A 198 -1.69 7.06 -9.07
N ASP A 199 -1.93 8.04 -8.21
CA ASP A 199 -0.87 8.98 -7.90
C ASP A 199 0.31 8.27 -7.22
N ILE A 200 0.01 7.40 -6.25
CA ILE A 200 1.07 6.62 -5.59
C ILE A 200 1.88 5.82 -6.60
N PHE A 201 1.20 5.08 -7.49
CA PHE A 201 1.92 4.18 -8.39
C PHE A 201 2.85 4.96 -9.30
N THR A 202 2.34 6.06 -9.89
CA THR A 202 3.16 6.85 -10.81
C THR A 202 4.26 7.64 -10.11
N ARG A 203 4.11 7.96 -8.83
CA ARG A 203 5.27 8.52 -8.10
C ARG A 203 6.37 7.46 -7.94
N LEU A 204 6.00 6.26 -7.49
CA LEU A 204 7.00 5.20 -7.30
C LEU A 204 7.71 4.82 -8.60
N PHE A 205 7.01 4.77 -9.73
CA PHE A 205 7.61 4.18 -10.92
C PHE A 205 7.86 5.18 -12.04
N GLN A 206 8.03 6.47 -11.67
CA GLN A 206 8.33 7.53 -12.61
C GLN A 206 9.71 7.30 -13.18
N PRO A 207 10.02 7.87 -14.36
CA PRO A 207 9.20 8.79 -15.15
C PRO A 207 8.13 8.10 -15.97
N TRP A 208 7.03 8.82 -16.16
CA TRP A 208 5.86 8.25 -16.82
C TRP A 208 6.22 7.77 -18.22
N SER A 209 7.23 8.38 -18.84
CA SER A 209 7.53 8.09 -20.22
C SER A 209 8.00 6.64 -20.40
N SER A 210 8.61 6.05 -19.37
CA SER A 210 9.03 4.64 -19.33
C SER A 210 8.34 3.87 -18.21
N LEU A 211 7.12 4.28 -17.87
CA LEU A 211 6.42 3.73 -16.72
C LEU A 211 6.58 2.22 -16.57
N LEU A 212 6.13 1.46 -17.58
CA LEU A 212 6.08 0.02 -17.42
C LEU A 212 7.45 -0.63 -17.55
N ARG A 213 8.38 -0.05 -18.32
CA ARG A 213 9.76 -0.54 -18.26
C ARG A 213 10.33 -0.37 -16.84
N ASN A 214 10.08 0.78 -16.19
CA ASN A 214 10.58 1.01 -14.82
C ASN A 214 10.03 -0.02 -13.86
N TRP A 215 8.71 -0.22 -13.91
CA TRP A 215 8.07 -1.13 -12.99
C TRP A 215 8.51 -2.57 -13.25
N ASN A 216 8.87 -2.88 -14.49
CA ASN A 216 9.33 -4.22 -14.80
C ASN A 216 10.71 -4.47 -14.21
N SER A 217 11.62 -3.52 -14.40
CA SER A 217 12.98 -3.65 -13.88
C SER A 217 13.02 -3.63 -12.35
N LEU A 218 12.16 -2.84 -11.72
CA LEU A 218 12.26 -2.60 -10.28
C LEU A 218 11.41 -3.54 -9.46
N ALA A 219 10.39 -4.11 -10.05
CA ALA A 219 9.47 -4.96 -9.32
C ALA A 219 9.25 -6.32 -9.99
N VAL A 220 9.09 -6.36 -11.32
CA VAL A 220 8.70 -7.63 -11.95
C VAL A 220 9.87 -8.59 -12.02
N THR A 221 11.04 -8.12 -12.43
CA THR A 221 12.21 -8.98 -12.59
C THR A 221 13.27 -8.81 -11.47
N HIS A 222 13.01 -7.98 -10.44
CA HIS A 222 13.99 -7.67 -9.38
C HIS A 222 13.72 -8.53 -8.16
N PRO A 223 14.64 -9.38 -7.76
CA PRO A 223 14.42 -10.16 -6.54
C PRO A 223 14.53 -9.32 -5.27
N GLY A 224 15.02 -8.09 -5.36
CA GLY A 224 15.02 -7.20 -4.21
C GLY A 224 13.64 -6.73 -3.79
N TYR A 225 12.71 -6.60 -4.75
CA TYR A 225 11.43 -5.97 -4.45
C TYR A 225 10.58 -6.88 -3.57
N MET A 226 9.78 -6.26 -2.69
CA MET A 226 9.01 -6.99 -1.69
C MET A 226 7.63 -6.36 -1.59
N ALA A 227 6.63 -7.00 -2.18
CA ALA A 227 5.29 -6.43 -2.19
C ALA A 227 4.60 -6.66 -0.86
N PHE A 228 3.91 -5.62 -0.36
CA PHE A 228 3.10 -5.71 0.86
C PHE A 228 3.93 -6.25 2.04
N LEU A 229 5.08 -5.61 2.26
CA LEU A 229 5.97 -5.94 3.37
C LEU A 229 6.11 -4.72 4.27
N THR A 230 6.11 -4.97 5.57
CA THR A 230 6.21 -3.92 6.56
C THR A 230 7.65 -3.77 7.02
N TYR A 231 7.88 -2.66 7.74
CA TYR A 231 9.19 -2.39 8.30
C TYR A 231 9.72 -3.59 9.11
N ASP A 232 8.91 -4.14 10.02
CA ASP A 232 9.37 -5.24 10.86
C ASP A 232 9.65 -6.47 10.02
N GLU A 233 8.73 -6.80 9.08
CA GLU A 233 8.95 -7.96 8.25
C GLU A 233 10.24 -7.82 7.47
N VAL A 234 10.63 -6.59 7.10
CA VAL A 234 11.88 -6.42 6.37
C VAL A 234 13.06 -6.71 7.28
N LYS A 235 13.00 -6.21 8.52
CA LYS A 235 14.07 -6.47 9.47
C LYS A 235 14.20 -7.97 9.73
N ALA A 236 13.08 -8.66 10.02
CA ALA A 236 13.13 -10.11 10.25
C ALA A 236 13.69 -10.86 9.04
N ARG A 237 13.31 -10.46 7.82
CA ARG A 237 13.77 -11.15 6.61
C ARG A 237 15.26 -11.01 6.40
N LEU A 238 15.82 -9.84 6.68
CA LEU A 238 17.27 -9.65 6.54
C LEU A 238 18.08 -10.29 7.67
N GLN A 239 17.42 -10.77 8.72
CA GLN A 239 18.16 -11.31 9.85
C GLN A 239 18.99 -12.52 9.41
N LYS A 240 18.41 -13.36 8.53
CA LYS A 240 19.17 -14.53 8.08
C LYS A 240 20.40 -14.14 7.30
N PHE A 241 20.52 -12.87 6.90
CA PHE A 241 21.68 -12.40 6.16
C PHE A 241 22.57 -11.51 7.00
N ILE A 242 22.43 -11.57 8.33
CA ILE A 242 23.19 -10.65 9.19
C ILE A 242 24.68 -10.75 8.93
N HIS A 243 25.17 -11.94 8.57
CA HIS A 243 26.58 -12.20 8.32
C HIS A 243 26.97 -12.01 6.87
N LYS A 244 26.07 -11.50 6.04
CA LYS A 244 26.34 -11.27 4.63
C LYS A 244 26.08 -9.78 4.37
N PRO A 245 27.02 -8.91 4.74
CA PRO A 245 26.83 -7.46 4.48
C PRO A 245 26.63 -7.16 3.00
N GLY A 246 25.81 -6.13 2.73
CA GLY A 246 25.43 -5.81 1.38
C GLY A 246 24.15 -6.48 0.92
N SER A 247 23.56 -7.32 1.76
CA SER A 247 22.26 -7.87 1.47
C SER A 247 21.21 -6.77 1.63
N TYR A 248 20.22 -6.76 0.75
CA TYR A 248 19.24 -5.68 0.76
C TYR A 248 17.95 -6.10 0.08
N ILE A 249 16.86 -5.46 0.53
CA ILE A 249 15.54 -5.57 -0.05
C ILE A 249 14.92 -4.17 -0.01
N PHE A 250 13.87 -3.99 -0.81
CA PHE A 250 13.18 -2.70 -0.88
C PHE A 250 11.70 -2.92 -1.12
N ARG A 251 10.91 -1.91 -0.75
CA ARG A 251 9.47 -2.01 -0.71
C ARG A 251 8.88 -0.60 -0.67
N LEU A 252 7.54 -0.54 -0.72
CA LEU A 252 6.84 0.71 -0.45
C LEU A 252 6.85 1.03 1.03
N SER A 253 7.15 2.28 1.34
CA SER A 253 6.96 2.81 2.68
C SER A 253 5.47 2.83 3.03
N CYS A 254 5.17 2.35 4.21
CA CYS A 254 3.82 2.37 4.75
C CYS A 254 3.41 3.79 5.19
N THR A 255 4.31 4.52 5.86
CA THR A 255 3.95 5.80 6.47
C THR A 255 4.15 6.96 5.51
N ARG A 256 4.98 6.79 4.49
CA ARG A 256 5.22 7.81 3.48
C ARG A 256 4.83 7.30 2.10
N LEU A 257 3.54 7.07 1.92
CA LEU A 257 3.05 6.45 0.69
C LEU A 257 3.52 7.25 -0.51
N GLY A 258 4.07 6.55 -1.48
CA GLY A 258 4.64 7.17 -2.64
C GLY A 258 6.14 7.19 -2.66
N GLN A 259 6.79 6.80 -1.56
CA GLN A 259 8.23 6.79 -1.51
C GLN A 259 8.70 5.39 -1.14
N TRP A 260 9.96 5.14 -1.46
CA TRP A 260 10.58 3.83 -1.33
C TRP A 260 11.33 3.72 -0.01
N ALA A 261 11.34 2.50 0.56
CA ALA A 261 12.14 2.14 1.73
C ALA A 261 13.05 0.96 1.42
N ILE A 262 14.36 1.18 1.56
CA ILE A 262 15.42 0.20 1.31
C ILE A 262 15.97 -0.29 2.65
N GLY A 263 15.93 -1.59 2.87
CA GLY A 263 16.55 -2.22 4.01
C GLY A 263 17.84 -2.89 3.57
N TYR A 264 18.87 -2.80 4.42
CA TYR A 264 20.16 -3.38 4.10
C TYR A 264 20.93 -3.75 5.38
N VAL A 265 21.86 -4.68 5.20
CA VAL A 265 22.75 -5.19 6.24
C VAL A 265 24.08 -4.49 6.07
N THR A 266 24.54 -3.83 7.13
CA THR A 266 25.82 -3.14 7.15
C THR A 266 26.94 -4.10 7.56
N ALA A 267 28.16 -3.66 7.28
CA ALA A 267 29.34 -4.43 7.66
C ALA A 267 29.50 -4.56 9.17
N ASP A 268 28.94 -3.63 9.97
CA ASP A 268 29.07 -3.78 11.40
C ASP A 268 27.84 -4.42 12.07
N GLY A 269 27.04 -5.15 11.30
CA GLY A 269 26.00 -5.95 11.91
C GLY A 269 24.70 -5.26 12.19
N ASN A 270 24.48 -4.06 11.65
CA ASN A 270 23.20 -3.40 11.76
C ASN A 270 22.33 -3.67 10.54
N ILE A 271 21.02 -3.74 10.77
CA ILE A 271 20.01 -3.76 9.72
C ILE A 271 19.30 -2.43 9.78
N LEU A 272 19.57 -1.59 8.79
CA LEU A 272 19.05 -0.23 8.67
C LEU A 272 18.07 -0.13 7.51
N GLN A 273 17.10 0.81 7.65
CA GLN A 273 16.17 1.16 6.60
C GLN A 273 16.16 2.67 6.34
N THR A 274 16.17 3.02 5.05
CA THR A 274 16.36 4.37 4.53
C THR A 274 15.37 4.65 3.41
N ILE A 275 14.91 5.90 3.34
CA ILE A 275 13.99 6.37 2.30
C ILE A 275 14.74 7.34 1.40
N PRO A 276 15.05 6.96 0.16
CA PRO A 276 15.85 7.84 -0.72
C PRO A 276 15.14 9.16 -1.04
N HIS A 277 15.93 10.25 -1.08
CA HIS A 277 15.45 11.61 -1.32
C HIS A 277 16.23 12.28 -2.43
N ASN A 278 15.55 13.08 -3.24
CA ASN A 278 16.20 13.81 -4.32
C ASN A 278 17.09 12.88 -5.15
N LYS A 279 16.51 11.77 -5.58
CA LYS A 279 17.25 10.71 -6.24
C LYS A 279 16.25 9.62 -6.53
N PRO A 280 16.04 9.24 -7.79
CA PRO A 280 15.14 8.13 -8.07
C PRO A 280 15.71 6.82 -7.54
N LEU A 281 14.82 5.86 -7.36
CA LEU A 281 15.22 4.58 -6.81
C LEU A 281 16.29 3.93 -7.67
N PHE A 282 16.10 3.95 -8.99
CA PHE A 282 17.12 3.49 -9.93
C PHE A 282 18.49 3.97 -9.50
N GLN A 283 18.64 5.28 -9.36
CA GLN A 283 19.97 5.81 -9.09
C GLN A 283 20.50 5.39 -7.72
N ALA A 284 19.62 5.24 -6.73
CA ALA A 284 20.05 4.89 -5.38
C ALA A 284 20.56 3.45 -5.35
N LEU A 285 19.90 2.58 -6.11
CA LEU A 285 20.31 1.20 -6.27
C LEU A 285 21.63 1.11 -7.04
N ILE A 286 21.79 1.88 -8.11
CA ILE A 286 23.05 1.85 -8.86
C ILE A 286 24.20 2.36 -7.99
N ASP A 287 23.98 3.50 -7.34
CA ASP A 287 25.03 4.05 -6.51
C ASP A 287 25.31 3.13 -5.34
N GLY A 288 24.24 2.58 -4.75
CA GLY A 288 24.42 1.68 -3.63
C GLY A 288 25.26 0.48 -4.02
N PHE A 289 25.04 -0.05 -5.24
CA PHE A 289 25.89 -1.11 -5.75
C PHE A 289 27.34 -0.66 -5.83
N ARG A 290 27.58 0.45 -6.55
CA ARG A 290 28.93 0.96 -6.72
C ARG A 290 29.63 1.18 -5.39
N GLU A 291 28.89 1.72 -4.42
CA GLU A 291 29.47 2.09 -3.15
C GLU A 291 29.52 0.94 -2.14
N GLY A 292 29.00 -0.24 -2.50
CA GLY A 292 29.16 -1.41 -1.70
C GLY A 292 28.06 -1.72 -0.73
N PHE A 293 26.96 -0.95 -0.72
CA PHE A 293 25.94 -1.17 0.30
C PHE A 293 24.81 -2.09 -0.17
N TYR A 294 24.48 -2.03 -1.45
CA TYR A 294 23.34 -2.72 -2.03
C TYR A 294 23.91 -3.69 -3.04
N LEU A 295 24.35 -4.87 -2.57
CA LEU A 295 25.03 -5.84 -3.41
C LEU A 295 24.23 -7.10 -3.68
N PHE A 296 23.47 -7.59 -2.71
CA PHE A 296 22.92 -8.94 -2.75
C PHE A 296 21.42 -8.86 -2.53
N PRO A 297 20.64 -8.76 -3.62
CA PRO A 297 19.20 -8.57 -3.45
C PRO A 297 18.56 -9.83 -2.89
N ASP A 298 17.84 -9.65 -1.79
CA ASP A 298 17.30 -10.75 -1.01
C ASP A 298 18.36 -11.80 -0.69
N GLY A 299 19.61 -11.37 -0.51
CA GLY A 299 20.69 -12.26 -0.15
C GLY A 299 21.35 -12.97 -1.31
N ARG A 300 20.87 -12.75 -2.53
CA ARG A 300 21.37 -13.49 -3.68
C ARG A 300 22.65 -12.89 -4.20
N ASN A 301 23.52 -13.75 -4.69
CA ASN A 301 24.87 -13.36 -5.07
C ASN A 301 24.86 -12.45 -6.28
N GLN A 302 23.84 -12.55 -7.09
CA GLN A 302 23.74 -11.84 -8.36
C GLN A 302 22.80 -10.65 -8.22
N ASN A 303 23.22 -9.51 -8.75
CA ASN A 303 22.41 -8.29 -8.65
C ASN A 303 21.95 -7.84 -10.03
N PRO A 304 20.68 -7.49 -10.22
CA PRO A 304 20.25 -6.89 -11.49
C PRO A 304 21.15 -5.74 -11.90
N ASP A 305 21.37 -5.61 -13.20
CA ASP A 305 22.02 -4.44 -13.79
C ASP A 305 20.93 -3.48 -14.25
N LEU A 306 21.08 -2.20 -13.90
CA LEU A 306 20.02 -1.21 -14.14
C LEU A 306 20.48 -0.04 -15.01
N THR A 307 21.66 -0.15 -15.62
CA THR A 307 22.09 0.78 -16.69
C THR A 307 21.33 0.60 -18.02
C ACE B 1 10.86 3.12 11.98
O ACE B 1 10.32 4.03 11.29
CH3 ACE B 1 10.05 1.87 12.24
N GLU B 2 12.11 3.20 12.53
CA GLU B 2 12.94 4.38 12.34
C GLU B 2 13.81 4.31 11.09
N PTR B 3 13.60 5.31 10.23
CA PTR B 3 14.34 5.46 8.99
C PTR B 3 15.55 6.37 9.14
O PTR B 3 15.43 7.47 9.64
CB PTR B 3 13.45 5.97 7.84
CG PTR B 3 12.27 5.09 7.58
CD1 PTR B 3 12.43 3.91 6.89
CD2 PTR B 3 11.00 5.42 8.03
CE1 PTR B 3 11.35 3.06 6.65
CE2 PTR B 3 9.92 4.60 7.81
CZ PTR B 3 10.10 3.40 7.10
OH PTR B 3 9.17 2.55 6.85
P PTR B 3 7.59 2.64 7.10
O1P PTR B 3 7.04 3.97 6.57
O2P PTR B 3 6.93 1.49 6.33
O3P PTR B 3 7.27 2.49 8.54
N THR B 4 16.68 5.91 8.63
CA THR B 4 17.95 6.58 8.77
C THR B 4 18.43 7.08 7.42
N GLU B 5 19.42 7.96 7.45
CA GLU B 5 19.89 8.63 6.25
C GLU B 5 20.57 7.63 5.33
N GLY B 6 20.41 7.85 4.03
CA GLY B 6 20.99 6.97 3.05
C GLY B 6 22.50 6.86 3.20
N PRO B 7 23.08 5.71 2.80
CA PRO B 7 24.54 5.58 2.68
C PRO B 7 25.04 6.08 1.34
NA NA C . -8.00 -0.13 -5.00
#